data_1RMG
#
_entry.id   1RMG
#
_cell.length_a   62.900
_cell.length_b   125.400
_cell.length_c   137.000
_cell.angle_alpha   90.00
_cell.angle_beta   90.00
_cell.angle_gamma   90.00
#
_symmetry.space_group_name_H-M   'I 2 2 2'
#
loop_
_entity.id
_entity.type
_entity.pdbx_description
1 polymer 'RHAMNOGALACTURONASE A'
2 branched alpha-D-mannopyranose-(1-3)-[beta-D-mannopyranose-(1-6)]beta-D-mannopyranose-(1-4)-2-acetamido-2-deoxy-beta-D-glucopyranose-(1-4)-2-acetamido-2-deoxy-beta-D-glucopyranose
3 branched beta-D-mannopyranose-(1-4)-2-acetamido-2-deoxy-beta-D-glucopyranose-(1-4)-2-acetamido-2-deoxy-beta-D-glucopyranose
4 non-polymer alpha-D-mannopyranose
5 non-polymer beta-D-mannopyranose
6 non-polymer alpha-D-glucopyranose
7 water water
#
_entity_poly.entity_id   1
_entity_poly.type   'polypeptide(L)'
_entity_poly.pdbx_seq_one_letter_code
;QLSGSVGPLTSASTKGATKTCNILSYGAVADNSTDVGPAITSAWAACKSGGLVYIPSGNYALNTWVTLTGGSATAIQLDG
IIYRTGTASGNMIAVTDTTDFELFSSTSKGAVQGFGYVYHAEGTYGARILRLTDVTHFSVHDIILVDAPAFHFTMDTCSD
GEVYNMAIRGGNEGGLDGIDVWGSNIWVHDVEVTNKDECVTVKSPANNILVESIYCNWSGGCAMGSLGADTDVTDIVYRN
VYTWSSNQMYMIKSNGGSGTVSNVLLENFIGHGNAYSLDIDGYWSSMTAVAGDGVQLNNITVKNWKGTEANGATRPPIRV
VCSDTAPCTDLTLEDIAIWTESGSSELYLCRSAYGSGYCLKDSSSHTSYTTTSTVTAAPSGYSATTMAADLATAFGLTAS
IPIPTIPTSFYPGLTPYSALAG
;
_entity_poly.pdbx_strand_id   A
#
# COMPACT_ATOMS: atom_id res chain seq x y z
N GLN A 1 -8.88 7.16 -10.73
CA GLN A 1 -9.16 6.38 -11.95
C GLN A 1 -8.03 6.69 -12.93
N LEU A 2 -7.62 5.69 -13.70
CA LEU A 2 -6.51 5.85 -14.64
C LEU A 2 -6.82 6.87 -15.75
N SER A 3 -5.76 7.52 -16.23
CA SER A 3 -5.87 8.52 -17.28
C SER A 3 -5.36 7.99 -18.62
N GLY A 4 -4.76 6.80 -18.60
CA GLY A 4 -4.23 6.23 -19.82
C GLY A 4 -3.71 4.82 -19.58
N SER A 5 -2.90 4.32 -20.51
CA SER A 5 -2.34 2.98 -20.36
C SER A 5 -1.20 3.00 -19.34
N VAL A 6 -1.00 1.85 -18.69
CA VAL A 6 0.02 1.69 -17.66
C VAL A 6 0.84 0.46 -18.04
N GLY A 7 2.01 0.29 -17.42
CA GLY A 7 2.83 -0.88 -17.71
C GLY A 7 3.99 -0.62 -18.63
N PRO A 8 4.87 -1.60 -18.82
CA PRO A 8 6.02 -1.39 -19.71
C PRO A 8 5.58 -1.19 -21.15
N LEU A 9 6.43 -0.55 -21.94
CA LEU A 9 6.16 -0.27 -23.34
C LEU A 9 6.48 -1.47 -24.23
N THR A 10 7.49 -2.25 -23.86
CA THR A 10 7.89 -3.42 -24.63
C THR A 10 7.93 -4.61 -23.68
N SER A 11 7.67 -5.80 -24.21
CA SER A 11 7.62 -7.02 -23.41
C SER A 11 8.98 -7.51 -22.95
N ALA A 12 8.96 -8.29 -21.89
CA ALA A 12 10.16 -8.87 -21.31
C ALA A 12 10.83 -9.83 -22.29
N SER A 13 10.02 -10.51 -23.11
CA SER A 13 10.58 -11.45 -24.07
C SER A 13 11.36 -10.70 -25.14
N THR A 14 10.86 -9.53 -25.53
CA THR A 14 11.55 -8.70 -26.52
C THR A 14 12.88 -8.20 -25.95
N LYS A 15 12.86 -7.75 -24.69
CA LYS A 15 14.08 -7.28 -24.06
C LYS A 15 15.08 -8.42 -23.89
N GLY A 16 14.57 -9.58 -23.49
CA GLY A 16 15.41 -10.75 -23.30
C GLY A 16 16.08 -11.18 -24.58
N ALA A 17 15.33 -11.08 -25.69
CA ALA A 17 15.84 -11.45 -27.01
C ALA A 17 16.94 -10.46 -27.41
N THR A 18 16.77 -9.20 -27.04
CA THR A 18 17.76 -8.18 -27.34
C THR A 18 19.06 -8.54 -26.63
N LYS A 19 18.95 -8.79 -25.32
CA LYS A 19 20.12 -9.14 -24.55
C LYS A 19 19.71 -9.56 -23.19
N THR A 20 20.24 -10.70 -22.75
CA THR A 20 19.95 -11.22 -21.43
C THR A 20 21.25 -11.23 -20.65
N CYS A 21 21.26 -10.57 -19.49
CA CYS A 21 22.42 -10.54 -18.64
C CYS A 21 22.13 -11.41 -17.44
N ASN A 22 22.59 -12.65 -17.52
CA ASN A 22 22.41 -13.61 -16.45
C ASN A 22 23.45 -13.26 -15.38
N ILE A 23 23.02 -12.97 -14.16
CA ILE A 23 23.96 -12.57 -13.10
C ILE A 23 25.06 -13.61 -12.78
N LEU A 24 24.79 -14.88 -13.07
CA LEU A 24 25.79 -15.93 -12.84
C LEU A 24 27.00 -15.64 -13.72
N SER A 25 26.76 -14.98 -14.87
CA SER A 25 27.83 -14.58 -15.78
C SER A 25 28.56 -13.32 -15.28
N TYR A 26 28.02 -12.64 -14.27
CA TYR A 26 28.66 -11.44 -13.76
C TYR A 26 29.19 -11.62 -12.38
N GLY A 27 29.54 -12.86 -12.06
CA GLY A 27 30.10 -13.14 -10.75
C GLY A 27 29.16 -13.59 -9.64
N ALA A 28 27.89 -13.82 -9.95
CA ALA A 28 26.95 -14.25 -8.91
C ALA A 28 27.16 -15.73 -8.62
N VAL A 29 27.01 -16.08 -7.34
CA VAL A 29 27.12 -17.47 -6.88
C VAL A 29 25.89 -17.71 -6.01
N ALA A 30 25.10 -18.73 -6.38
CA ALA A 30 23.89 -19.11 -5.63
C ALA A 30 24.26 -19.98 -4.43
N ASP A 31 25.13 -19.48 -3.57
CA ASP A 31 25.57 -20.22 -2.39
C ASP A 31 25.03 -19.66 -1.11
N ASN A 32 24.08 -18.73 -1.21
CA ASN A 32 23.48 -18.09 -0.03
C ASN A 32 24.60 -17.56 0.90
N SER A 33 25.63 -16.98 0.32
CA SER A 33 26.77 -16.51 1.10
C SER A 33 27.55 -15.37 0.40
N THR A 34 27.86 -15.58 -0.88
CA THR A 34 28.58 -14.60 -1.68
C THR A 34 27.64 -13.44 -2.08
N ASP A 35 28.02 -12.21 -1.72
CA ASP A 35 27.24 -11.00 -2.01
C ASP A 35 26.83 -10.92 -3.48
N VAL A 36 25.52 -10.92 -3.73
CA VAL A 36 25.02 -10.87 -5.10
C VAL A 36 24.89 -9.43 -5.58
N GLY A 37 25.02 -8.47 -4.66
CA GLY A 37 24.89 -7.06 -5.03
C GLY A 37 25.68 -6.63 -6.25
N PRO A 38 27.01 -6.82 -6.23
CA PRO A 38 27.91 -6.45 -7.32
C PRO A 38 27.53 -7.04 -8.68
N ALA A 39 27.12 -8.31 -8.68
CA ALA A 39 26.71 -8.99 -9.91
C ALA A 39 25.49 -8.32 -10.53
N ILE A 40 24.49 -8.03 -9.70
CA ILE A 40 23.29 -7.36 -10.18
C ILE A 40 23.70 -6.01 -10.77
N THR A 41 24.59 -5.30 -10.09
CA THR A 41 25.06 -4.00 -10.61
C THR A 41 25.77 -4.11 -11.95
N SER A 42 26.66 -5.10 -12.10
CA SER A 42 27.35 -5.30 -13.38
C SER A 42 26.39 -5.78 -14.47
N ALA A 43 25.41 -6.59 -14.09
CA ALA A 43 24.44 -7.08 -15.07
C ALA A 43 23.59 -5.90 -15.53
N TRP A 44 23.23 -5.01 -14.62
CA TRP A 44 22.43 -3.83 -14.95
C TRP A 44 23.18 -2.94 -15.92
N ALA A 45 24.45 -2.66 -15.61
CA ALA A 45 25.28 -1.82 -16.46
C ALA A 45 25.30 -2.30 -17.92
N ALA A 46 25.32 -3.63 -18.10
CA ALA A 46 25.34 -4.22 -19.45
C ALA A 46 23.97 -4.31 -20.12
N CYS A 47 22.92 -4.47 -19.32
CA CYS A 47 21.57 -4.62 -19.86
C CYS A 47 20.58 -3.46 -19.66
N LYS A 48 20.98 -2.41 -18.96
CA LYS A 48 20.09 -1.28 -18.68
C LYS A 48 19.47 -0.58 -19.89
N SER A 49 20.01 -0.80 -21.09
CA SER A 49 19.44 -0.17 -22.26
C SER A 49 18.95 -1.25 -23.22
N GLY A 50 17.68 -1.63 -23.10
CA GLY A 50 17.12 -2.64 -23.97
C GLY A 50 17.24 -4.11 -23.58
N GLY A 51 18.00 -4.44 -22.53
CA GLY A 51 18.16 -5.83 -22.15
C GLY A 51 17.38 -6.31 -20.94
N LEU A 52 17.67 -7.53 -20.50
CA LEU A 52 16.98 -8.10 -19.36
C LEU A 52 17.96 -8.69 -18.36
N VAL A 53 17.89 -8.24 -17.11
CA VAL A 53 18.75 -8.77 -16.06
C VAL A 53 18.01 -9.99 -15.51
N TYR A 54 18.69 -11.13 -15.55
CA TYR A 54 18.10 -12.38 -15.14
C TYR A 54 18.76 -12.98 -13.93
N ILE A 55 17.94 -13.32 -12.94
CA ILE A 55 18.37 -13.91 -11.70
C ILE A 55 17.73 -15.30 -11.62
N PRO A 56 18.48 -16.36 -11.98
CA PRO A 56 17.98 -17.73 -11.95
C PRO A 56 17.66 -18.22 -10.55
N SER A 57 16.86 -19.28 -10.47
CA SER A 57 16.47 -19.88 -9.22
C SER A 57 17.69 -20.28 -8.37
N GLY A 58 17.61 -20.01 -7.07
CA GLY A 58 18.71 -20.30 -6.17
C GLY A 58 18.62 -19.37 -4.98
N ASN A 59 19.54 -19.49 -4.04
CA ASN A 59 19.56 -18.65 -2.85
C ASN A 59 20.77 -17.73 -2.90
N TYR A 60 20.50 -16.44 -2.77
CA TYR A 60 21.56 -15.44 -2.84
C TYR A 60 21.54 -14.55 -1.63
N ALA A 61 22.73 -14.14 -1.21
CA ALA A 61 22.89 -13.27 -0.09
C ALA A 61 23.12 -11.87 -0.64
N LEU A 62 22.42 -10.88 -0.09
CA LEU A 62 22.58 -9.49 -0.51
C LEU A 62 23.27 -8.80 0.65
N ASN A 63 24.55 -8.52 0.48
CA ASN A 63 25.34 -7.88 1.54
C ASN A 63 25.50 -6.37 1.34
N THR A 64 25.46 -5.91 0.09
CA THR A 64 25.58 -4.48 -0.18
C THR A 64 24.40 -4.11 -1.07
N TRP A 65 23.80 -2.97 -0.78
CA TRP A 65 22.62 -2.49 -1.50
C TRP A 65 22.92 -2.14 -2.95
N VAL A 66 21.91 -2.23 -3.82
CA VAL A 66 22.09 -1.88 -5.22
C VAL A 66 21.21 -0.69 -5.55
N THR A 67 21.73 0.19 -6.40
CA THR A 67 21.04 1.37 -6.86
C THR A 67 21.15 1.31 -8.36
N LEU A 68 20.05 0.96 -9.02
CA LEU A 68 20.03 0.82 -10.47
C LEU A 68 19.36 2.04 -11.08
N THR A 69 20.10 2.78 -11.89
CA THR A 69 19.59 4.01 -12.46
C THR A 69 19.84 4.13 -13.95
N GLY A 70 19.11 5.03 -14.58
CA GLY A 70 19.27 5.29 -16.00
C GLY A 70 18.89 4.20 -16.98
N GLY A 71 17.94 3.34 -16.61
CA GLY A 71 17.56 2.28 -17.52
C GLY A 71 16.58 2.76 -18.57
N SER A 72 16.51 2.03 -19.66
CA SER A 72 15.60 2.39 -20.71
C SER A 72 15.25 1.08 -21.40
N ALA A 73 13.98 0.72 -21.41
CA ALA A 73 13.51 -0.53 -22.03
C ALA A 73 14.26 -1.73 -21.46
N THR A 74 14.21 -1.87 -20.14
CA THR A 74 14.92 -2.92 -19.43
C THR A 74 13.97 -3.67 -18.46
N ALA A 75 14.44 -4.78 -17.88
CA ALA A 75 13.64 -5.58 -16.98
C ALA A 75 14.51 -6.41 -16.07
N ILE A 76 13.95 -6.83 -14.94
CA ILE A 76 14.69 -7.66 -13.99
C ILE A 76 13.79 -8.83 -13.71
N GLN A 77 14.29 -10.01 -14.02
CA GLN A 77 13.56 -11.25 -13.78
C GLN A 77 14.16 -11.91 -12.54
N LEU A 78 13.44 -11.82 -11.42
CA LEU A 78 13.87 -12.40 -10.16
C LEU A 78 13.20 -13.77 -9.97
N ASP A 79 13.94 -14.83 -10.31
CA ASP A 79 13.43 -16.20 -10.17
C ASP A 79 14.03 -16.97 -9.00
N GLY A 80 14.81 -16.30 -8.17
CA GLY A 80 15.42 -16.91 -7.02
C GLY A 80 15.01 -16.13 -5.79
N ILE A 81 15.64 -16.39 -4.65
CA ILE A 81 15.33 -15.71 -3.40
C ILE A 81 16.56 -14.97 -2.87
N ILE A 82 16.38 -13.70 -2.52
CA ILE A 82 17.45 -12.85 -1.99
C ILE A 82 17.30 -12.74 -0.48
N TYR A 83 18.37 -13.02 0.27
CA TYR A 83 18.33 -12.94 1.72
C TYR A 83 19.19 -11.78 2.16
N ARG A 84 18.69 -10.98 3.09
CA ARG A 84 19.46 -9.86 3.58
C ARG A 84 20.55 -10.32 4.55
N THR A 85 21.79 -9.96 4.24
CA THR A 85 22.92 -10.24 5.12
C THR A 85 23.57 -8.87 5.44
N GLY A 86 23.33 -7.87 4.58
CA GLY A 86 23.88 -6.53 4.78
C GLY A 86 23.20 -5.82 5.92
N THR A 87 23.90 -4.92 6.57
CA THR A 87 23.33 -4.21 7.72
C THR A 87 23.24 -2.70 7.56
N ALA A 88 23.60 -2.19 6.38
CA ALA A 88 23.54 -0.75 6.16
C ALA A 88 22.08 -0.27 6.14
N SER A 89 21.92 1.05 6.21
CA SER A 89 20.62 1.71 6.18
C SER A 89 20.31 1.95 4.70
N GLY A 90 19.17 2.57 4.42
CA GLY A 90 18.83 2.86 3.03
C GLY A 90 17.86 1.88 2.41
N ASN A 91 18.02 1.66 1.11
CA ASN A 91 17.16 0.77 0.35
C ASN A 91 17.99 -0.40 -0.20
N MET A 92 17.58 -1.63 0.09
CA MET A 92 18.31 -2.78 -0.43
C MET A 92 18.35 -2.73 -1.96
N ILE A 93 17.20 -2.43 -2.56
CA ILE A 93 17.10 -2.36 -4.01
C ILE A 93 16.38 -1.08 -4.39
N ALA A 94 17.05 -0.23 -5.18
CA ALA A 94 16.44 1.01 -5.62
C ALA A 94 16.58 1.13 -7.10
N VAL A 95 15.50 1.44 -7.79
CA VAL A 95 15.54 1.63 -9.23
C VAL A 95 15.08 3.06 -9.41
N THR A 96 15.86 3.87 -10.11
CA THR A 96 15.49 5.27 -10.30
C THR A 96 15.72 5.73 -11.71
N ASP A 97 15.02 6.81 -12.06
CA ASP A 97 15.14 7.48 -13.33
C ASP A 97 15.26 6.45 -14.45
N THR A 98 14.22 5.65 -14.61
CA THR A 98 14.19 4.59 -15.60
C THR A 98 12.83 4.58 -16.25
N THR A 99 12.80 4.30 -17.55
CA THR A 99 11.54 4.26 -18.29
C THR A 99 11.39 2.92 -19.04
N ASP A 100 10.15 2.40 -19.14
CA ASP A 100 9.84 1.11 -19.78
C ASP A 100 10.56 0.02 -19.00
N PHE A 101 10.01 -0.29 -17.83
CA PHE A 101 10.65 -1.23 -16.93
C PHE A 101 9.68 -2.28 -16.39
N GLU A 102 10.23 -3.45 -16.09
CA GLU A 102 9.43 -4.53 -15.54
C GLU A 102 10.25 -5.34 -14.55
N LEU A 103 9.71 -5.49 -13.36
CA LEU A 103 10.33 -6.27 -12.32
C LEU A 103 9.32 -7.39 -12.04
N PHE A 104 9.72 -8.63 -12.25
CA PHE A 104 8.82 -9.77 -12.09
C PHE A 104 9.56 -11.10 -11.89
N SER A 105 8.77 -12.14 -11.68
CA SER A 105 9.30 -13.49 -11.51
C SER A 105 8.51 -14.33 -12.50
N SER A 106 9.19 -15.15 -13.29
CA SER A 106 8.47 -16.00 -14.24
C SER A 106 7.81 -17.20 -13.57
N THR A 107 8.17 -17.48 -12.33
CA THR A 107 7.64 -18.63 -11.60
C THR A 107 6.63 -18.27 -10.50
N SER A 108 6.52 -16.96 -10.20
CA SER A 108 5.65 -16.46 -9.15
C SER A 108 6.18 -16.88 -7.78
N LYS A 109 7.48 -17.19 -7.75
CA LYS A 109 8.12 -17.60 -6.51
C LYS A 109 9.35 -16.74 -6.11
N GLY A 110 9.70 -15.76 -6.95
CA GLY A 110 10.83 -14.87 -6.65
C GLY A 110 10.49 -14.09 -5.38
N ALA A 111 11.46 -13.94 -4.48
CA ALA A 111 11.20 -13.27 -3.23
C ALA A 111 12.42 -12.60 -2.66
N VAL A 112 12.18 -11.69 -1.74
CA VAL A 112 13.24 -11.03 -1.02
C VAL A 112 12.89 -11.26 0.43
N GLN A 113 13.78 -11.94 1.15
CA GLN A 113 13.61 -12.22 2.58
C GLN A 113 14.46 -11.17 3.30
N GLY A 114 13.80 -10.15 3.84
CA GLY A 114 14.50 -9.07 4.52
C GLY A 114 15.03 -9.28 5.91
N PHE A 115 14.57 -10.33 6.59
CA PHE A 115 15.02 -10.63 7.95
C PHE A 115 14.93 -9.41 8.87
N GLY A 116 13.84 -8.66 8.72
CA GLY A 116 13.63 -7.50 9.55
C GLY A 116 13.52 -7.80 11.02
N TYR A 117 13.13 -9.01 11.38
CA TYR A 117 12.98 -9.34 12.79
C TYR A 117 14.26 -9.17 13.59
N VAL A 118 15.41 -9.33 12.94
CA VAL A 118 16.67 -9.16 13.67
C VAL A 118 16.73 -7.77 14.32
N TYR A 119 16.19 -6.78 13.62
CA TYR A 119 16.14 -5.40 14.10
C TYR A 119 15.00 -5.16 15.09
N HIS A 120 13.83 -5.67 14.74
CA HIS A 120 12.64 -5.50 15.54
C HIS A 120 12.75 -6.13 16.91
N ALA A 121 13.44 -7.27 17.01
CA ALA A 121 13.65 -7.91 18.30
C ALA A 121 14.41 -6.93 19.23
N GLU A 122 15.22 -6.04 18.65
CA GLU A 122 16.00 -5.06 19.43
C GLU A 122 15.38 -3.67 19.51
N GLY A 123 14.15 -3.50 19.05
CA GLY A 123 13.51 -2.20 19.11
C GLY A 123 13.97 -1.19 18.08
N THR A 124 14.58 -1.65 16.99
CA THR A 124 15.08 -0.76 15.95
C THR A 124 14.53 -1.08 14.56
N TYR A 125 15.00 -0.35 13.54
CA TYR A 125 14.58 -0.53 12.16
C TYR A 125 15.82 -0.51 11.27
N GLY A 126 15.75 -1.18 10.13
CA GLY A 126 16.88 -1.20 9.22
C GLY A 126 16.50 -0.65 7.85
N ALA A 127 17.13 -1.15 6.81
CA ALA A 127 16.86 -0.68 5.46
C ALA A 127 15.43 -1.00 5.01
N ARG A 128 14.99 -0.31 3.95
CA ARG A 128 13.71 -0.55 3.31
C ARG A 128 14.12 -1.59 2.27
N ILE A 129 13.18 -2.37 1.77
CA ILE A 129 13.53 -3.36 0.74
C ILE A 129 13.56 -2.78 -0.67
N LEU A 130 12.44 -2.26 -1.15
CA LEU A 130 12.37 -1.78 -2.51
C LEU A 130 11.84 -0.35 -2.69
N ARG A 131 12.55 0.45 -3.47
CA ARG A 131 12.12 1.81 -3.73
C ARG A 131 12.29 2.17 -5.20
N LEU A 132 11.21 2.60 -5.84
CA LEU A 132 11.27 3.02 -7.23
C LEU A 132 11.06 4.52 -7.19
N THR A 133 11.97 5.28 -7.81
CA THR A 133 11.88 6.74 -7.80
C THR A 133 11.98 7.25 -9.21
N ASP A 134 10.97 7.98 -9.65
CA ASP A 134 10.98 8.52 -10.97
C ASP A 134 11.11 7.45 -12.05
N VAL A 135 10.29 6.41 -11.92
CA VAL A 135 10.25 5.31 -12.87
C VAL A 135 8.94 5.49 -13.61
N THR A 136 8.97 5.36 -14.92
CA THR A 136 7.80 5.57 -15.75
C THR A 136 7.57 4.43 -16.74
N HIS A 137 6.29 4.10 -16.97
CA HIS A 137 5.88 3.01 -17.88
C HIS A 137 6.49 1.72 -17.35
N PHE A 138 5.92 1.20 -16.27
CA PHE A 138 6.46 0.00 -15.64
C PHE A 138 5.41 -0.89 -15.00
N SER A 139 5.84 -2.07 -14.56
CA SER A 139 4.97 -2.97 -13.83
C SER A 139 5.86 -3.76 -12.89
N VAL A 140 5.32 -4.07 -11.74
CA VAL A 140 6.02 -4.85 -10.75
C VAL A 140 4.99 -5.90 -10.40
N HIS A 141 5.32 -7.18 -10.57
CA HIS A 141 4.33 -8.20 -10.30
C HIS A 141 4.94 -9.57 -10.09
N ASP A 142 4.15 -10.45 -9.50
CA ASP A 142 4.55 -11.82 -9.26
C ASP A 142 5.78 -12.01 -8.41
N ILE A 143 5.94 -11.15 -7.41
CA ILE A 143 7.07 -11.28 -6.53
C ILE A 143 6.57 -11.21 -5.09
N ILE A 144 7.42 -11.65 -4.17
CA ILE A 144 7.09 -11.69 -2.76
C ILE A 144 8.12 -10.89 -1.96
N LEU A 145 7.65 -10.05 -1.04
CA LEU A 145 8.53 -9.23 -0.19
C LEU A 145 8.20 -9.64 1.24
N VAL A 146 9.22 -10.09 1.97
CA VAL A 146 9.02 -10.57 3.31
C VAL A 146 9.90 -9.91 4.35
N ASP A 147 9.29 -9.59 5.49
CA ASP A 147 9.94 -9.03 6.66
C ASP A 147 10.97 -7.92 6.41
N ALA A 148 10.51 -6.80 5.86
CA ALA A 148 11.41 -5.66 5.64
C ALA A 148 11.85 -5.07 6.98
N PRO A 149 13.12 -4.66 7.09
CA PRO A 149 13.56 -4.08 8.37
C PRO A 149 12.74 -2.78 8.60
N ALA A 150 12.32 -2.15 7.49
CA ALA A 150 11.51 -0.94 7.55
C ALA A 150 10.37 -1.04 6.51
N PHE A 151 10.37 -0.16 5.50
CA PHE A 151 9.32 -0.18 4.47
C PHE A 151 9.56 -1.30 3.51
N HIS A 152 8.48 -1.80 2.90
CA HIS A 152 8.58 -2.88 1.92
C HIS A 152 8.68 -2.38 0.47
N PHE A 153 7.74 -1.55 0.04
CA PHE A 153 7.71 -1.08 -1.35
C PHE A 153 7.17 0.36 -1.43
N THR A 154 8.01 1.27 -1.92
CA THR A 154 7.66 2.66 -2.08
C THR A 154 7.84 3.06 -3.53
N MET A 155 6.85 3.79 -4.06
CA MET A 155 6.92 4.29 -5.42
C MET A 155 6.92 5.80 -5.22
N ASP A 156 8.10 6.38 -5.38
CA ASP A 156 8.33 7.81 -5.20
C ASP A 156 8.30 8.50 -6.55
N THR A 157 7.22 9.25 -6.79
CA THR A 157 7.07 10.00 -8.05
C THR A 157 7.22 9.13 -9.27
N CYS A 158 6.36 8.12 -9.39
CA CYS A 158 6.39 7.24 -10.54
C CYS A 158 5.13 7.46 -11.32
N SER A 159 5.09 6.95 -12.55
CA SER A 159 3.90 7.12 -13.36
C SER A 159 3.71 6.04 -14.42
N ASP A 160 2.45 5.87 -14.82
CA ASP A 160 2.05 4.89 -15.83
C ASP A 160 2.54 3.53 -15.40
N GLY A 161 2.15 3.14 -14.17
CA GLY A 161 2.60 1.87 -13.64
C GLY A 161 1.48 0.94 -13.22
N GLU A 162 1.78 -0.36 -13.16
CA GLU A 162 0.82 -1.36 -12.73
C GLU A 162 1.54 -2.29 -11.78
N VAL A 163 0.94 -2.48 -10.63
CA VAL A 163 1.52 -3.32 -9.59
C VAL A 163 0.45 -4.35 -9.25
N TYR A 164 0.80 -5.63 -9.31
CA TYR A 164 -0.18 -6.68 -9.05
C TYR A 164 0.44 -8.05 -8.77
N ASN A 165 -0.38 -8.98 -8.27
CA ASN A 165 0.03 -10.34 -7.96
C ASN A 165 1.27 -10.35 -7.06
N MET A 166 1.10 -9.77 -5.88
CA MET A 166 2.18 -9.69 -4.92
C MET A 166 1.67 -10.03 -3.55
N ALA A 167 2.58 -10.58 -2.73
CA ALA A 167 2.29 -10.90 -1.34
C ALA A 167 3.42 -10.16 -0.60
N ILE A 168 3.05 -9.41 0.42
CA ILE A 168 3.97 -8.63 1.25
C ILE A 168 3.61 -9.03 2.66
N ARG A 169 4.59 -9.59 3.36
CA ARG A 169 4.34 -10.04 4.71
C ARG A 169 5.45 -9.59 5.63
N GLY A 170 5.13 -8.69 6.55
CA GLY A 170 6.09 -8.17 7.48
C GLY A 170 5.69 -8.32 8.93
N GLY A 171 6.49 -7.72 9.82
CA GLY A 171 6.28 -7.80 11.25
C GLY A 171 5.06 -7.08 11.78
N ASN A 172 4.74 -7.35 13.03
CA ASN A 172 3.56 -6.79 13.66
C ASN A 172 3.75 -5.50 14.44
N GLU A 173 4.15 -4.44 13.74
CA GLU A 173 4.32 -3.13 14.36
C GLU A 173 4.32 -2.05 13.28
N GLY A 174 4.20 -0.79 13.73
CA GLY A 174 4.21 0.35 12.83
C GLY A 174 5.60 0.57 12.25
N GLY A 175 5.70 1.36 11.20
CA GLY A 175 6.96 1.61 10.55
C GLY A 175 7.31 0.57 9.50
N LEU A 176 6.45 -0.41 9.29
CA LEU A 176 6.74 -1.47 8.31
C LEU A 176 5.78 -1.39 7.12
N ASP A 177 5.61 -0.19 6.56
CA ASP A 177 4.69 0.05 5.43
C ASP A 177 4.74 -0.99 4.33
N GLY A 178 3.58 -1.32 3.78
CA GLY A 178 3.49 -2.27 2.68
C GLY A 178 3.81 -1.58 1.38
N ILE A 179 2.82 -0.88 0.84
CA ILE A 179 3.01 -0.13 -0.40
C ILE A 179 2.64 1.33 -0.19
N ASP A 180 3.61 2.22 -0.43
CA ASP A 180 3.41 3.67 -0.34
C ASP A 180 3.59 4.17 -1.77
N VAL A 181 2.64 4.96 -2.26
CA VAL A 181 2.72 5.41 -3.63
C VAL A 181 2.26 6.85 -3.87
N TRP A 182 3.03 7.55 -4.69
CA TRP A 182 2.66 8.89 -5.11
C TRP A 182 3.21 9.03 -6.52
N GLY A 183 2.46 9.77 -7.33
CA GLY A 183 2.82 9.95 -8.71
C GLY A 183 1.51 10.01 -9.48
N SER A 184 1.52 9.60 -10.74
CA SER A 184 0.30 9.63 -11.52
C SER A 184 0.11 8.45 -12.41
N ASN A 185 -1.17 8.14 -12.61
CA ASN A 185 -1.60 7.05 -13.47
C ASN A 185 -0.97 5.71 -13.08
N ILE A 186 -1.32 5.25 -11.89
CA ILE A 186 -0.82 3.98 -11.36
C ILE A 186 -2.01 3.09 -10.98
N TRP A 187 -1.93 1.83 -11.40
CA TRP A 187 -2.97 0.85 -11.13
C TRP A 187 -2.42 -0.25 -10.21
N VAL A 188 -2.94 -0.33 -8.98
CA VAL A 188 -2.54 -1.35 -8.03
C VAL A 188 -3.73 -2.29 -7.81
N HIS A 189 -3.53 -3.57 -8.05
CA HIS A 189 -4.62 -4.54 -7.86
C HIS A 189 -4.10 -5.93 -7.52
N ASP A 190 -4.90 -6.71 -6.80
CA ASP A 190 -4.54 -8.09 -6.44
C ASP A 190 -3.23 -8.18 -5.66
N VAL A 191 -3.25 -7.60 -4.47
CA VAL A 191 -2.09 -7.55 -3.61
C VAL A 191 -2.59 -7.86 -2.22
N GLU A 192 -1.78 -8.58 -1.46
CA GLU A 192 -2.12 -8.92 -0.09
C GLU A 192 -0.99 -8.38 0.78
N VAL A 193 -1.35 -7.73 1.88
CA VAL A 193 -0.38 -7.16 2.81
C VAL A 193 -0.65 -7.54 4.26
N THR A 194 0.43 -7.87 4.99
CA THR A 194 0.39 -8.20 6.42
C THR A 194 1.54 -7.40 7.04
N ASN A 195 1.24 -6.72 8.15
CA ASN A 195 2.19 -5.89 8.87
C ASN A 195 1.35 -5.14 9.88
N LYS A 196 1.82 -4.01 10.40
CA LYS A 196 0.97 -3.20 11.26
C LYS A 196 1.11 -1.72 10.91
N ASP A 197 1.15 -1.43 9.62
CA ASP A 197 1.23 -0.06 9.12
C ASP A 197 0.59 -0.01 7.74
N GLU A 198 0.94 0.96 6.91
CA GLU A 198 0.31 1.11 5.60
C GLU A 198 0.08 -0.18 4.81
N CYS A 199 -1.15 -0.38 4.33
CA CYS A 199 -1.47 -1.52 3.50
C CYS A 199 -1.14 -0.99 2.08
N VAL A 200 -2.05 -0.26 1.45
CA VAL A 200 -1.74 0.38 0.17
C VAL A 200 -2.16 1.83 0.43
N THR A 201 -1.17 2.70 0.55
CA THR A 201 -1.38 4.10 0.90
C THR A 201 -0.89 5.12 -0.14
N VAL A 202 -1.73 6.13 -0.39
CA VAL A 202 -1.44 7.19 -1.35
C VAL A 202 -0.91 8.43 -0.61
N LYS A 203 0.14 9.02 -1.14
CA LYS A 203 0.72 10.21 -0.54
C LYS A 203 0.65 11.35 -1.57
N SER A 204 1.05 12.55 -1.19
CA SER A 204 0.97 13.70 -2.09
C SER A 204 2.35 14.05 -2.71
N PRO A 205 2.38 14.51 -3.98
CA PRO A 205 1.24 14.73 -4.88
C PRO A 205 0.87 13.45 -5.61
N ALA A 206 -0.41 13.28 -5.95
CA ALA A 206 -0.80 12.10 -6.68
C ALA A 206 -2.07 12.39 -7.44
N ASN A 207 -2.19 11.85 -8.64
CA ASN A 207 -3.39 12.02 -9.43
C ASN A 207 -3.61 10.77 -10.23
N ASN A 208 -4.87 10.43 -10.44
CA ASN A 208 -5.25 9.28 -11.25
C ASN A 208 -4.67 7.95 -10.81
N ILE A 209 -5.04 7.55 -9.61
CA ILE A 209 -4.57 6.30 -9.04
C ILE A 209 -5.78 5.41 -8.79
N LEU A 210 -5.68 4.17 -9.26
CA LEU A 210 -6.75 3.17 -9.10
C LEU A 210 -6.20 2.02 -8.27
N VAL A 211 -6.81 1.76 -7.12
CA VAL A 211 -6.41 0.70 -6.21
C VAL A 211 -7.61 -0.22 -5.97
N GLU A 212 -7.50 -1.49 -6.34
CA GLU A 212 -8.61 -2.40 -6.14
C GLU A 212 -8.18 -3.83 -5.88
N SER A 213 -9.08 -4.61 -5.26
CA SER A 213 -8.84 -6.01 -4.92
C SER A 213 -7.61 -6.11 -4.04
N ILE A 214 -7.72 -5.46 -2.91
CA ILE A 214 -6.62 -5.42 -1.97
C ILE A 214 -7.06 -6.20 -0.74
N TYR A 215 -6.16 -7.03 -0.24
CA TYR A 215 -6.45 -7.87 0.91
C TYR A 215 -5.49 -7.49 2.03
N CYS A 216 -5.94 -6.66 2.97
CA CYS A 216 -5.15 -6.24 4.11
C CYS A 216 -5.44 -7.26 5.19
N ASN A 217 -4.60 -8.29 5.26
CA ASN A 217 -4.75 -9.42 6.18
C ASN A 217 -3.90 -9.17 7.43
N TRP A 218 -4.47 -8.46 8.40
CA TRP A 218 -3.80 -8.08 9.62
C TRP A 218 -2.74 -7.07 9.18
N SER A 219 -3.14 -5.81 9.11
CA SER A 219 -2.28 -4.76 8.61
C SER A 219 -2.62 -3.47 9.35
N GLY A 220 -2.03 -2.38 8.91
CA GLY A 220 -2.37 -1.09 9.49
C GLY A 220 -3.64 -0.67 8.77
N GLY A 221 -3.74 -1.03 7.49
CA GLY A 221 -4.89 -0.68 6.68
C GLY A 221 -4.51 0.36 5.64
N CYS A 222 -5.38 0.57 4.65
CA CYS A 222 -5.14 1.56 3.60
C CYS A 222 -5.33 2.96 4.17
N ALA A 223 -4.66 3.94 3.55
CA ALA A 223 -4.76 5.30 4.02
C ALA A 223 -4.36 6.30 2.95
N MET A 224 -4.44 7.58 3.31
CA MET A 224 -4.04 8.67 2.44
C MET A 224 -3.30 9.62 3.36
N GLY A 225 -2.04 9.93 3.04
CA GLY A 225 -1.28 10.84 3.88
C GLY A 225 -0.15 10.17 4.64
N SER A 226 0.42 10.79 5.68
CA SER A 226 0.06 12.14 6.17
C SER A 226 0.13 13.21 5.11
N LEU A 227 -0.83 14.14 5.14
CA LEU A 227 -0.85 15.23 4.17
C LEU A 227 -0.39 16.48 4.91
N GLY A 228 0.44 17.28 4.25
CA GLY A 228 0.93 18.51 4.88
C GLY A 228 0.68 19.75 4.04
N ALA A 229 1.70 20.59 3.93
CA ALA A 229 1.60 21.83 3.16
C ALA A 229 1.61 21.54 1.68
N ASP A 230 0.89 22.36 0.92
CA ASP A 230 0.84 22.20 -0.54
C ASP A 230 0.43 20.83 -1.06
N THR A 231 -0.57 20.26 -0.41
CA THR A 231 -1.10 18.96 -0.80
C THR A 231 -1.85 19.07 -2.11
N ASP A 232 -1.68 18.08 -2.97
CA ASP A 232 -2.41 18.04 -4.22
C ASP A 232 -2.65 16.56 -4.53
N VAL A 233 -3.83 16.07 -4.16
CA VAL A 233 -4.18 14.68 -4.41
C VAL A 233 -5.52 14.74 -5.12
N THR A 234 -5.63 14.08 -6.26
CA THR A 234 -6.89 14.12 -6.97
C THR A 234 -7.11 12.90 -7.85
N ASP A 235 -8.39 12.54 -8.04
CA ASP A 235 -8.81 11.41 -8.87
C ASP A 235 -8.24 10.07 -8.39
N ILE A 236 -8.56 9.75 -7.14
CA ILE A 236 -8.12 8.52 -6.46
C ILE A 236 -9.32 7.60 -6.26
N VAL A 237 -9.23 6.35 -6.70
CA VAL A 237 -10.30 5.39 -6.50
C VAL A 237 -9.77 4.14 -5.77
N TYR A 238 -10.45 3.73 -4.70
CA TYR A 238 -10.13 2.48 -3.99
C TYR A 238 -11.44 1.69 -4.07
N ARG A 239 -11.39 0.46 -4.56
CA ARG A 239 -12.61 -0.32 -4.60
C ARG A 239 -12.30 -1.78 -4.34
N ASN A 240 -13.23 -2.47 -3.67
CA ASN A 240 -13.11 -3.90 -3.39
C ASN A 240 -11.89 -4.15 -2.53
N VAL A 241 -11.96 -3.59 -1.34
CA VAL A 241 -10.87 -3.74 -0.39
C VAL A 241 -11.40 -4.51 0.82
N TYR A 242 -10.74 -5.62 1.16
CA TYR A 242 -11.14 -6.42 2.30
C TYR A 242 -10.08 -6.24 3.38
N THR A 243 -10.49 -5.81 4.57
CA THR A 243 -9.57 -5.53 5.67
C THR A 243 -9.89 -6.31 6.94
N TRP A 244 -8.92 -7.12 7.37
CA TRP A 244 -9.11 -7.94 8.54
C TRP A 244 -8.11 -7.62 9.65
N SER A 245 -8.63 -7.51 10.87
CA SER A 245 -7.83 -7.29 12.07
C SER A 245 -6.76 -6.21 11.89
N SER A 246 -7.19 -5.03 11.43
CA SER A 246 -6.28 -3.93 11.15
C SER A 246 -6.62 -2.67 11.95
N ASN A 247 -5.80 -1.62 11.83
CA ASN A 247 -6.08 -0.36 12.53
C ASN A 247 -7.30 0.37 11.98
N GLN A 248 -7.55 0.23 10.68
CA GLN A 248 -8.68 0.91 10.04
C GLN A 248 -8.95 0.35 8.65
N MET A 249 -10.12 0.68 8.09
CA MET A 249 -10.48 0.28 6.73
C MET A 249 -9.94 1.37 5.82
N TYR A 250 -10.08 2.62 6.25
CA TYR A 250 -9.50 3.73 5.48
C TYR A 250 -9.33 4.95 6.37
N MET A 251 -8.16 5.56 6.29
CA MET A 251 -7.87 6.76 7.07
C MET A 251 -7.26 7.84 6.20
N ILE A 252 -7.73 9.08 6.35
CA ILE A 252 -7.14 10.22 5.64
C ILE A 252 -6.56 11.02 6.79
N LYS A 253 -5.25 11.19 6.79
CA LYS A 253 -4.61 11.88 7.89
C LYS A 253 -3.88 13.17 7.52
N SER A 254 -4.11 14.18 8.34
CA SER A 254 -3.48 15.48 8.19
C SER A 254 -3.60 16.15 9.54
N ASN A 255 -2.86 17.22 9.71
CA ASN A 255 -2.90 17.97 10.95
C ASN A 255 -2.36 19.33 10.62
N GLY A 256 -3.23 20.17 10.08
CA GLY A 256 -2.82 21.49 9.65
C GLY A 256 -2.50 21.38 8.17
N GLY A 257 -1.51 22.13 7.70
CA GLY A 257 -1.17 22.06 6.30
C GLY A 257 -2.06 22.89 5.39
N SER A 258 -1.98 22.58 4.11
CA SER A 258 -2.76 23.29 3.10
C SER A 258 -2.81 22.45 1.83
N GLY A 259 -3.48 22.95 0.81
CA GLY A 259 -3.60 22.22 -0.42
C GLY A 259 -4.99 21.61 -0.48
N THR A 260 -5.20 20.70 -1.42
CA THR A 260 -6.52 20.08 -1.58
C THR A 260 -6.45 18.60 -1.91
N VAL A 261 -7.50 17.88 -1.53
CA VAL A 261 -7.65 16.47 -1.83
C VAL A 261 -9.03 16.48 -2.46
N SER A 262 -9.14 16.05 -3.71
CA SER A 262 -10.44 16.06 -4.34
C SER A 262 -10.69 14.91 -5.29
N ASN A 263 -11.97 14.60 -5.48
CA ASN A 263 -12.45 13.55 -6.35
C ASN A 263 -11.90 12.18 -5.95
N VAL A 264 -12.31 11.73 -4.77
CA VAL A 264 -11.88 10.44 -4.22
C VAL A 264 -13.13 9.54 -4.03
N LEU A 265 -13.04 8.31 -4.50
CA LEU A 265 -14.15 7.37 -4.36
C LEU A 265 -13.60 6.18 -3.60
N LEU A 266 -14.24 5.77 -2.51
CA LEU A 266 -13.83 4.60 -1.72
C LEU A 266 -15.08 3.70 -1.66
N GLU A 267 -15.18 2.71 -2.54
CA GLU A 267 -16.37 1.89 -2.53
C GLU A 267 -16.15 0.40 -2.44
N ASN A 268 -17.13 -0.30 -1.86
CA ASN A 268 -17.07 -1.76 -1.71
C ASN A 268 -15.94 -2.18 -0.80
N PHE A 269 -16.05 -1.80 0.46
CA PHE A 269 -15.06 -2.17 1.44
C PHE A 269 -15.75 -3.13 2.39
N ILE A 270 -15.00 -4.10 2.90
CA ILE A 270 -15.51 -5.03 3.89
C ILE A 270 -14.47 -5.08 4.98
N GLY A 271 -14.91 -5.01 6.23
CA GLY A 271 -13.98 -5.07 7.33
C GLY A 271 -14.50 -5.92 8.47
N HIS A 272 -13.57 -6.48 9.24
CA HIS A 272 -13.91 -7.30 10.40
C HIS A 272 -12.72 -7.19 11.33
N GLY A 273 -13.01 -7.05 12.63
CA GLY A 273 -11.97 -7.01 13.65
C GLY A 273 -11.05 -5.83 13.69
N ASN A 274 -11.39 -4.73 13.02
CA ASN A 274 -10.54 -3.54 12.98
C ASN A 274 -10.75 -2.62 14.18
N ALA A 275 -9.81 -1.71 14.41
CA ALA A 275 -9.90 -0.74 15.51
C ALA A 275 -10.85 0.36 15.05
N TYR A 276 -10.55 0.97 13.91
CA TYR A 276 -11.38 2.00 13.29
C TYR A 276 -11.91 1.44 12.00
N SER A 277 -12.88 2.11 11.41
CA SER A 277 -13.42 1.71 10.12
C SER A 277 -13.14 2.88 9.17
N LEU A 278 -14.06 3.85 9.04
CA LEU A 278 -13.82 5.04 8.20
C LEU A 278 -13.27 6.08 9.17
N ASP A 279 -12.04 6.53 8.94
CA ASP A 279 -11.47 7.50 9.86
C ASP A 279 -10.79 8.66 9.17
N ILE A 280 -11.57 9.71 8.88
CA ILE A 280 -11.04 10.93 8.26
C ILE A 280 -10.62 11.81 9.43
N ASP A 281 -9.32 12.02 9.57
CA ASP A 281 -8.80 12.77 10.70
C ASP A 281 -7.92 13.96 10.35
N GLY A 282 -8.49 15.16 10.52
CA GLY A 282 -7.79 16.40 10.24
C GLY A 282 -6.95 16.91 11.38
N TYR A 283 -6.91 16.16 12.49
CA TYR A 283 -6.12 16.54 13.67
C TYR A 283 -5.36 15.30 14.15
N TRP A 284 -4.80 14.55 13.20
CA TRP A 284 -4.10 13.31 13.52
C TRP A 284 -2.96 13.57 14.51
N SER A 285 -3.13 13.10 15.74
CA SER A 285 -2.17 13.31 16.81
C SER A 285 -0.80 12.69 16.64
N SER A 286 -0.67 11.65 15.82
CA SER A 286 0.62 11.00 15.62
C SER A 286 1.60 11.76 14.75
N MET A 287 1.18 12.92 14.24
CA MET A 287 2.07 13.74 13.43
C MET A 287 2.07 15.15 13.99
N THR A 288 3.23 15.80 13.93
CA THR A 288 3.35 17.17 14.42
C THR A 288 2.57 18.07 13.46
N ALA A 289 1.86 19.05 14.03
CA ALA A 289 1.05 19.97 13.25
C ALA A 289 1.84 20.78 12.21
N VAL A 290 1.22 20.99 11.05
CA VAL A 290 1.82 21.76 9.96
C VAL A 290 1.09 23.10 9.87
N ALA A 291 1.85 24.17 9.62
CA ALA A 291 1.30 25.51 9.50
C ALA A 291 0.31 25.62 8.35
N GLY A 292 -0.81 26.28 8.57
CA GLY A 292 -1.81 26.43 7.53
C GLY A 292 -3.19 26.26 8.13
N ASP A 293 -4.23 26.45 7.33
CA ASP A 293 -5.60 26.30 7.81
C ASP A 293 -6.12 24.87 7.74
N GLY A 294 -5.33 24.00 7.12
CA GLY A 294 -5.75 22.62 6.98
C GLY A 294 -5.95 22.30 5.51
N VAL A 295 -5.70 21.04 5.16
CA VAL A 295 -5.87 20.58 3.80
C VAL A 295 -7.37 20.59 3.54
N GLN A 296 -7.78 21.10 2.39
CA GLN A 296 -9.17 21.16 2.01
C GLN A 296 -9.57 19.87 1.29
N LEU A 297 -10.47 19.10 1.91
CA LEU A 297 -10.95 17.85 1.30
C LEU A 297 -12.27 18.20 0.62
N ASN A 298 -12.39 17.81 -0.64
CA ASN A 298 -13.60 18.12 -1.37
C ASN A 298 -14.03 16.99 -2.28
N ASN A 299 -15.34 16.76 -2.33
CA ASN A 299 -15.92 15.75 -3.19
C ASN A 299 -15.29 14.36 -2.99
N ILE A 300 -15.59 13.80 -1.83
CA ILE A 300 -15.13 12.50 -1.43
C ILE A 300 -16.37 11.64 -1.18
N THR A 301 -16.48 10.54 -1.92
CA THR A 301 -17.59 9.61 -1.83
C THR A 301 -17.19 8.26 -1.21
N VAL A 302 -17.83 7.93 -0.10
CA VAL A 302 -17.59 6.65 0.59
C VAL A 302 -18.91 5.90 0.39
N LYS A 303 -18.86 4.79 -0.35
CA LYS A 303 -20.06 4.06 -0.64
C LYS A 303 -19.96 2.54 -0.51
N ASN A 304 -21.03 1.95 0.02
CA ASN A 304 -21.14 0.51 0.20
C ASN A 304 -20.06 -0.16 1.04
N TRP A 305 -20.11 0.09 2.34
CA TRP A 305 -19.18 -0.50 3.28
C TRP A 305 -19.99 -1.40 4.20
N LYS A 306 -19.47 -2.57 4.52
CA LYS A 306 -20.15 -3.51 5.40
C LYS A 306 -19.15 -4.19 6.32
N GLY A 307 -19.64 -4.76 7.41
CA GLY A 307 -18.78 -5.48 8.33
C GLY A 307 -18.93 -5.11 9.77
N THR A 308 -17.91 -5.45 10.54
CA THR A 308 -17.92 -5.20 11.96
C THR A 308 -16.59 -4.62 12.44
N GLU A 309 -16.62 -3.98 13.60
CA GLU A 309 -15.44 -3.37 14.16
C GLU A 309 -15.34 -3.92 15.58
N ALA A 310 -14.12 -4.02 16.12
CA ALA A 310 -13.92 -4.55 17.46
C ALA A 310 -14.76 -3.85 18.54
N ASN A 311 -14.72 -2.53 18.60
CA ASN A 311 -15.49 -1.79 19.59
C ASN A 311 -15.91 -0.41 19.07
N GLY A 312 -17.15 -0.36 18.55
CA GLY A 312 -17.71 0.85 17.99
C GLY A 312 -18.07 1.94 19.00
N ALA A 313 -17.99 1.65 20.29
CA ALA A 313 -18.31 2.64 21.30
C ALA A 313 -17.07 3.46 21.64
N THR A 314 -15.89 2.82 21.60
CA THR A 314 -14.66 3.55 21.92
C THR A 314 -14.04 4.17 20.67
N ARG A 315 -14.35 3.59 19.52
CA ARG A 315 -13.86 4.07 18.22
C ARG A 315 -15.01 4.15 17.22
N PRO A 316 -15.61 5.35 17.05
CA PRO A 316 -16.72 5.55 16.12
C PRO A 316 -16.44 4.98 14.75
N PRO A 317 -17.26 4.04 14.27
CA PRO A 317 -17.06 3.43 12.96
C PRO A 317 -17.12 4.47 11.85
N ILE A 318 -17.89 5.53 12.09
CA ILE A 318 -17.96 6.63 11.13
C ILE A 318 -17.36 7.80 11.87
N ARG A 319 -16.13 8.16 11.51
CA ARG A 319 -15.45 9.24 12.17
C ARG A 319 -14.98 10.21 11.09
N VAL A 320 -15.60 11.39 11.05
CA VAL A 320 -15.27 12.38 10.04
C VAL A 320 -14.91 13.68 10.75
N VAL A 321 -13.62 13.82 11.07
CA VAL A 321 -13.10 14.97 11.77
C VAL A 321 -12.32 15.88 10.81
N CYS A 322 -12.93 16.99 10.41
CA CYS A 322 -12.27 17.92 9.49
C CYS A 322 -11.79 19.17 10.19
N SER A 323 -10.96 19.94 9.50
CA SER A 323 -10.43 21.17 10.06
C SER A 323 -11.55 22.19 10.28
N ASP A 324 -11.58 22.77 11.48
CA ASP A 324 -12.57 23.78 11.81
C ASP A 324 -12.35 25.00 10.91
N THR A 325 -11.08 25.25 10.59
CA THR A 325 -10.70 26.38 9.75
C THR A 325 -10.68 26.06 8.28
N ALA A 326 -10.93 24.80 7.95
CA ALA A 326 -10.96 24.34 6.55
C ALA A 326 -11.95 23.19 6.42
N PRO A 327 -13.23 23.44 6.73
CA PRO A 327 -14.30 22.42 6.68
C PRO A 327 -14.36 21.59 5.41
N CYS A 328 -14.55 20.28 5.59
CA CYS A 328 -14.70 19.32 4.50
C CYS A 328 -15.95 19.67 3.76
N THR A 329 -15.93 19.56 2.45
CA THR A 329 -17.13 19.89 1.69
C THR A 329 -17.42 18.83 0.66
N ASP A 330 -18.70 18.65 0.37
CA ASP A 330 -19.12 17.70 -0.65
C ASP A 330 -18.81 16.23 -0.40
N LEU A 331 -18.85 15.83 0.86
CA LEU A 331 -18.62 14.42 1.19
C LEU A 331 -19.96 13.69 1.00
N THR A 332 -19.90 12.47 0.50
CA THR A 332 -21.10 11.68 0.33
C THR A 332 -20.85 10.34 0.98
N LEU A 333 -21.56 10.09 2.07
CA LEU A 333 -21.46 8.83 2.80
C LEU A 333 -22.77 8.12 2.48
N GLU A 334 -22.67 6.98 1.80
CA GLU A 334 -23.85 6.26 1.42
C GLU A 334 -23.74 4.76 1.59
N ASP A 335 -24.71 4.20 2.32
CA ASP A 335 -24.77 2.76 2.54
C ASP A 335 -23.54 2.19 3.20
N ILE A 336 -23.31 2.66 4.43
CA ILE A 336 -22.21 2.23 5.25
C ILE A 336 -22.90 1.55 6.43
N ALA A 337 -22.82 0.22 6.47
CA ALA A 337 -23.46 -0.53 7.54
C ALA A 337 -22.40 -1.36 8.27
N ILE A 338 -21.91 -0.80 9.38
CA ILE A 338 -20.87 -1.44 10.19
C ILE A 338 -21.45 -1.62 11.59
N TRP A 339 -21.21 -2.76 12.21
CA TRP A 339 -21.71 -2.99 13.54
C TRP A 339 -20.55 -3.38 14.46
N THR A 340 -20.78 -3.28 15.76
CA THR A 340 -19.75 -3.54 16.75
C THR A 340 -19.66 -4.98 17.25
N GLU A 341 -18.45 -5.47 17.44
CA GLU A 341 -18.21 -6.84 17.89
C GLU A 341 -18.34 -7.05 19.38
N SER A 342 -18.49 -5.97 20.12
CA SER A 342 -18.68 -6.04 21.56
C SER A 342 -19.53 -4.84 21.92
N GLY A 343 -20.46 -5.03 22.84
CA GLY A 343 -21.32 -3.94 23.26
C GLY A 343 -22.57 -3.92 22.40
N SER A 344 -23.50 -3.04 22.75
CA SER A 344 -24.75 -2.93 22.01
C SER A 344 -24.99 -1.54 21.44
N SER A 345 -23.94 -0.75 21.34
CA SER A 345 -24.07 0.58 20.76
C SER A 345 -22.75 1.00 20.13
N GLU A 346 -22.80 2.07 19.37
CA GLU A 346 -21.62 2.58 18.74
C GLU A 346 -21.88 4.06 18.44
N LEU A 347 -20.83 4.79 18.08
CA LEU A 347 -20.93 6.21 17.82
C LEU A 347 -20.53 6.58 16.41
N TYR A 348 -21.12 7.67 15.92
CA TYR A 348 -20.83 8.23 14.59
C TYR A 348 -20.38 9.63 14.97
N LEU A 349 -19.17 10.02 14.61
CA LEU A 349 -18.64 11.34 14.96
C LEU A 349 -18.38 12.19 13.71
N CYS A 350 -18.89 13.41 13.73
CA CYS A 350 -18.72 14.34 12.63
C CYS A 350 -18.29 15.68 13.20
N ARG A 351 -17.28 16.29 12.58
CA ARG A 351 -16.78 17.56 13.03
C ARG A 351 -16.46 18.39 11.81
N SER A 352 -17.14 19.54 11.71
CA SER A 352 -16.97 20.49 10.63
C SER A 352 -16.95 19.84 9.27
N ALA A 353 -17.91 18.97 8.98
CA ALA A 353 -17.92 18.30 7.68
C ALA A 353 -19.23 18.49 6.97
N TYR A 354 -19.18 18.72 5.67
CA TYR A 354 -20.39 18.94 4.90
C TYR A 354 -20.61 18.00 3.73
N GLY A 355 -21.88 17.66 3.53
CA GLY A 355 -22.29 16.79 2.46
C GLY A 355 -23.54 16.09 2.93
N SER A 356 -23.85 14.94 2.36
CA SER A 356 -25.04 14.22 2.78
C SER A 356 -24.70 12.82 3.26
N GLY A 357 -25.24 12.46 4.42
CA GLY A 357 -25.02 11.14 4.95
C GLY A 357 -24.69 11.16 6.41
N TYR A 358 -25.38 10.28 7.13
CA TYR A 358 -25.15 10.08 8.55
C TYR A 358 -25.04 11.38 9.33
N CYS A 359 -23.97 11.60 10.08
CA CYS A 359 -23.90 12.84 10.85
C CYS A 359 -23.45 14.12 10.10
N LEU A 360 -23.37 14.07 8.78
CA LEU A 360 -22.94 15.23 8.00
C LEU A 360 -24.04 16.28 7.85
N LYS A 361 -23.63 17.55 7.79
CA LYS A 361 -24.58 18.63 7.59
C LYS A 361 -24.61 19.04 6.12
N ASP A 362 -25.81 19.34 5.63
CA ASP A 362 -26.04 19.70 4.24
C ASP A 362 -26.38 21.19 4.17
N SER A 363 -25.77 21.95 5.06
CA SER A 363 -25.98 23.38 5.19
C SER A 363 -25.24 24.27 4.15
N SER A 364 -25.57 25.56 4.14
CA SER A 364 -24.95 26.53 3.23
C SER A 364 -23.79 27.22 3.96
N SER A 365 -24.00 27.51 5.23
CA SER A 365 -23.00 28.17 6.05
C SER A 365 -22.01 27.15 6.61
N HIS A 366 -20.93 26.88 5.85
CA HIS A 366 -19.90 25.92 6.27
C HIS A 366 -19.13 26.35 7.51
N THR A 367 -19.81 26.42 8.64
CA THR A 367 -19.20 26.83 9.89
C THR A 367 -18.76 25.56 10.61
N SER A 368 -17.99 25.68 11.67
CA SER A 368 -17.57 24.48 12.35
C SER A 368 -18.65 23.99 13.31
N TYR A 369 -18.54 22.73 13.71
CA TYR A 369 -19.48 22.08 14.63
C TYR A 369 -18.86 20.75 15.05
N THR A 370 -19.36 20.18 16.13
CA THR A 370 -18.90 18.89 16.59
C THR A 370 -20.19 18.16 16.95
N THR A 371 -20.35 16.93 16.49
CA THR A 371 -21.55 16.16 16.82
C THR A 371 -21.26 14.67 16.94
N THR A 372 -21.91 14.04 17.91
CA THR A 372 -21.74 12.61 18.19
C THR A 372 -23.11 11.94 18.19
N SER A 373 -23.25 10.89 17.40
CA SER A 373 -24.51 10.17 17.32
C SER A 373 -24.39 8.76 17.91
N THR A 374 -25.32 8.37 18.78
CA THR A 374 -25.31 7.03 19.39
C THR A 374 -26.28 6.17 18.63
N VAL A 375 -25.83 5.03 18.14
CA VAL A 375 -26.72 4.14 17.41
C VAL A 375 -26.87 2.95 18.34
N THR A 376 -28.12 2.65 18.69
CA THR A 376 -28.42 1.56 19.61
C THR A 376 -28.91 0.26 18.99
N ALA A 377 -28.84 0.16 17.66
CA ALA A 377 -29.25 -1.07 17.00
C ALA A 377 -28.50 -1.25 15.68
N ALA A 378 -28.06 -2.47 15.45
CA ALA A 378 -27.29 -2.82 14.26
C ALA A 378 -27.85 -2.30 12.95
N PRO A 379 -27.04 -1.53 12.20
CA PRO A 379 -27.49 -0.99 10.91
C PRO A 379 -27.93 -2.16 10.04
N SER A 380 -28.98 -1.93 9.26
CA SER A 380 -29.51 -2.99 8.43
C SER A 380 -28.55 -3.31 7.29
N GLY A 381 -28.27 -4.60 7.12
CA GLY A 381 -27.36 -5.03 6.07
C GLY A 381 -25.86 -4.94 6.37
N TYR A 382 -25.47 -4.97 7.64
CA TYR A 382 -24.06 -4.89 8.00
C TYR A 382 -23.33 -6.22 7.79
N SER A 383 -24.10 -7.29 7.66
CA SER A 383 -23.54 -8.62 7.50
C SER A 383 -22.71 -8.82 6.24
N ALA A 384 -21.47 -9.25 6.45
CA ALA A 384 -20.55 -9.49 5.36
C ALA A 384 -19.70 -10.69 5.71
N THR A 385 -19.31 -11.43 4.70
CA THR A 385 -18.50 -12.63 4.87
C THR A 385 -17.03 -12.34 5.24
N THR A 386 -16.24 -13.40 5.40
CA THR A 386 -14.83 -13.24 5.72
C THR A 386 -14.00 -13.99 4.65
N MET A 387 -12.69 -13.82 4.67
CA MET A 387 -11.84 -14.51 3.69
C MET A 387 -11.26 -15.70 4.43
N ALA A 388 -11.16 -16.84 3.76
CA ALA A 388 -10.65 -18.04 4.41
C ALA A 388 -9.23 -17.91 4.97
N ALA A 389 -8.41 -17.08 4.34
CA ALA A 389 -7.03 -16.91 4.76
C ALA A 389 -6.78 -15.91 5.85
N ASP A 390 -7.84 -15.38 6.45
CA ASP A 390 -7.68 -14.40 7.53
C ASP A 390 -6.80 -14.97 8.63
N LEU A 391 -5.73 -14.25 8.95
CA LEU A 391 -4.80 -14.69 9.97
C LEU A 391 -5.37 -14.80 11.38
N ALA A 392 -5.13 -15.93 12.04
CA ALA A 392 -5.60 -16.11 13.40
C ALA A 392 -4.63 -15.35 14.33
N THR A 393 -3.35 -15.34 13.95
CA THR A 393 -2.28 -14.65 14.69
C THR A 393 -1.34 -14.06 13.62
N ALA A 394 -0.64 -12.98 13.96
CA ALA A 394 0.30 -12.33 13.05
C ALA A 394 1.70 -12.91 13.21
N PHE A 395 2.73 -12.28 12.65
CA PHE A 395 4.07 -12.83 12.72
C PHE A 395 5.04 -12.25 13.74
N GLY A 396 4.50 -11.54 14.72
CA GLY A 396 5.34 -11.00 15.77
C GLY A 396 6.47 -10.11 15.35
N LEU A 397 7.51 -10.06 16.17
CA LEU A 397 8.66 -9.18 15.93
C LEU A 397 10.03 -9.80 16.25
N THR A 398 10.03 -11.05 16.69
CA THR A 398 11.31 -11.63 17.08
C THR A 398 11.75 -12.94 16.45
N ALA A 399 10.98 -13.44 15.49
CA ALA A 399 11.33 -14.68 14.81
C ALA A 399 11.17 -14.43 13.33
N SER A 400 11.93 -15.16 12.51
CA SER A 400 11.85 -14.97 11.08
C SER A 400 10.43 -15.24 10.60
N ILE A 401 10.11 -14.68 9.46
CA ILE A 401 8.78 -14.81 8.88
C ILE A 401 8.86 -15.72 7.68
N PRO A 402 8.06 -16.81 7.66
CA PRO A 402 8.06 -17.74 6.54
C PRO A 402 7.53 -17.08 5.27
N ILE A 403 8.16 -17.39 4.14
CA ILE A 403 7.78 -16.83 2.86
C ILE A 403 6.43 -17.37 2.38
N PRO A 404 5.46 -16.47 2.12
CA PRO A 404 4.14 -16.94 1.66
C PRO A 404 4.09 -17.22 0.17
N THR A 405 2.95 -17.75 -0.29
CA THR A 405 2.74 -17.97 -1.72
C THR A 405 1.84 -16.78 -2.10
N ILE A 406 1.81 -16.43 -3.38
CA ILE A 406 0.95 -15.35 -3.82
C ILE A 406 -0.47 -15.92 -3.97
N PRO A 407 -1.46 -15.33 -3.29
CA PRO A 407 -2.81 -15.87 -3.44
C PRO A 407 -3.53 -15.53 -4.75
N THR A 408 -4.64 -16.18 -4.97
CA THR A 408 -5.43 -15.90 -6.14
C THR A 408 -6.84 -15.52 -5.70
N SER A 409 -6.96 -14.96 -4.51
CA SER A 409 -8.24 -14.52 -4.04
C SER A 409 -7.99 -13.38 -3.10
N PHE A 410 -8.51 -12.21 -3.44
CA PHE A 410 -8.29 -10.99 -2.65
C PHE A 410 -9.54 -10.33 -2.05
N TYR A 411 -10.67 -10.43 -2.75
CA TYR A 411 -11.92 -9.83 -2.26
C TYR A 411 -13.05 -10.83 -2.51
N PRO A 412 -13.99 -10.94 -1.56
CA PRO A 412 -15.09 -11.90 -1.76
C PRO A 412 -15.82 -11.81 -3.09
N GLY A 413 -15.91 -12.96 -3.75
CA GLY A 413 -16.64 -13.09 -5.01
C GLY A 413 -15.94 -12.65 -6.26
N LEU A 414 -14.69 -12.21 -6.15
CA LEU A 414 -13.96 -11.74 -7.33
C LEU A 414 -12.76 -12.62 -7.62
N THR A 415 -12.33 -12.61 -8.88
CA THR A 415 -11.15 -13.38 -9.30
C THR A 415 -10.06 -12.38 -9.67
N PRO A 416 -8.78 -12.80 -9.64
CA PRO A 416 -7.71 -11.86 -9.99
C PRO A 416 -7.80 -11.43 -11.46
N TYR A 417 -7.39 -10.20 -11.75
CA TYR A 417 -7.42 -9.69 -13.12
C TYR A 417 -6.46 -10.41 -14.04
N SER A 418 -5.32 -10.83 -13.50
CA SER A 418 -4.30 -11.48 -14.29
C SER A 418 -3.82 -12.75 -13.63
N ALA A 419 -3.67 -13.81 -14.44
CA ALA A 419 -3.21 -15.11 -13.96
C ALA A 419 -1.77 -15.01 -13.47
N LEU A 420 -1.42 -15.84 -12.50
CA LEU A 420 -0.06 -15.89 -11.97
C LEU A 420 0.87 -16.36 -13.10
N ALA A 421 2.11 -15.86 -13.08
CA ALA A 421 3.08 -16.21 -14.13
C ALA A 421 3.49 -17.69 -14.09
N GLY A 422 3.52 -18.27 -12.89
CA GLY A 422 3.89 -19.67 -12.77
C GLY A 422 3.12 -20.31 -11.64
#